data_2PUQ
#
_entry.id   2PUQ
#
_cell.length_a   78.312
_cell.length_b   68.827
_cell.length_c   78.732
_cell.angle_alpha   90.00
_cell.angle_beta   90.74
_cell.angle_gamma   90.00
#
_symmetry.space_group_name_H-M   'P 1 21 1'
#
loop_
_entity.id
_entity.type
_entity.pdbx_description
1 polymer 'Coagulation factor VII'
2 polymer 'Coagulation factor VII'
3 polymer 'Tissue factor'
4 polymer 'TRP-TYR-THR-ARG CHLOROMETHYLKETONE INHIBITOR'
5 non-polymer beta-D-glucopyranose
6 non-polymer alpha-L-fucopyranose
7 non-polymer 'CALCIUM ION'
8 water water
#
loop_
_entity_poly.entity_id
_entity_poly.type
_entity_poly.pdbx_seq_one_letter_code
_entity_poly.pdbx_strand_id
1 'polypeptide(L)'
;QCASSPCQNGGSCKDQLQSYICFCLPAFEGRNCETHKDDQLICVNENGGCEQYCSDHTGTKRSCRCHEGYSLLADGVSCT
PTVEYPCGKIPILE
;
L
2 'polypeptide(L)'
;IVGGKVCPKGECPWQVLLLVNGAQLCGGTLINTIWVVSAAHCFDKIKNWRNLIAVLGEHDLSEHDGDEQSRRVAQVIIPS
TYVPGTTNHDIALLRLHQPVVLTDHVVPLCLPERTFSERTLAFVRFSLVSGWGQLLDRGATALELMVLNVPRLMTQDCLQ
QSRKVGDSPNITEYMFCAGYSDGSKDSCKGDSGGPHATHYRGTWYLTGIVSWGQGCATVGHFGVYTRVSQYIEWLQKLMR
SEPRPGVLLRAPFP
;
H
3 'polypeptide(L)'
;TVAAYNLTWKSTNFKTILEWEPKPVNQVYTVQISTKSGDWKSKCFYTTDTECDLTDEIVKDVKQTYLARVFSYPAGNVES
TGSAGEPLYENSPEFTPYLETNLGQPTIQSFEQVGTKVNVTVEDERTLVRRNNTFLSLRDVFGKDLIYTLYYWKSSSSGK
KTAKTNTNEFLIDVDKGENYCFSVQAVIPSRTVNRKSTDSPVEC
;
T
4 'polypeptide(L)' WYT(AR7)(0QE) I
#
# COMPACT_ATOMS: atom_id res chain seq x y z
N GLN A 1 -11.02 -36.26 -15.00
CA GLN A 1 -11.51 -35.09 -14.19
C GLN A 1 -11.49 -33.77 -14.98
N CYS A 2 -10.45 -33.64 -15.79
CA CYS A 2 -10.35 -32.62 -16.79
C CYS A 2 -11.34 -32.88 -17.91
N ALA A 3 -11.88 -34.11 -17.96
CA ALA A 3 -12.70 -34.56 -19.10
C ALA A 3 -13.81 -33.58 -19.58
N SER A 4 -14.28 -32.66 -18.72
CA SER A 4 -15.29 -31.72 -19.20
C SER A 4 -14.72 -30.41 -19.80
N SER A 5 -13.44 -30.42 -20.18
CA SER A 5 -12.75 -29.26 -20.78
C SER A 5 -13.04 -27.84 -20.18
N PRO A 6 -12.77 -27.64 -18.85
CA PRO A 6 -13.28 -26.45 -18.13
C PRO A 6 -12.43 -25.18 -18.32
N CYS A 7 -11.16 -25.35 -18.70
CA CYS A 7 -10.32 -24.20 -19.10
C CYS A 7 -10.73 -23.57 -20.43
N GLN A 8 -11.32 -22.36 -20.31
CA GLN A 8 -11.64 -21.49 -21.41
C GLN A 8 -10.44 -20.66 -21.89
N ASN A 9 -10.71 -19.92 -22.96
CA ASN A 9 -9.71 -19.06 -23.58
C ASN A 9 -8.33 -19.69 -23.97
N GLY A 10 -8.28 -20.98 -24.24
CA GLY A 10 -7.09 -21.56 -24.81
C GLY A 10 -6.18 -22.22 -23.80
N GLY A 11 -6.63 -22.27 -22.55
CA GLY A 11 -5.76 -22.80 -21.50
C GLY A 11 -5.74 -24.31 -21.47
N SER A 12 -4.70 -24.86 -20.83
CA SER A 12 -4.54 -26.27 -20.67
C SER A 12 -5.10 -26.67 -19.33
N CYS A 13 -5.66 -27.87 -19.26
CA CYS A 13 -6.07 -28.44 -17.99
C CYS A 13 -5.15 -29.61 -17.47
N LYS A 14 -4.73 -29.62 -16.20
CA LYS A 14 -4.05 -30.78 -15.61
C LYS A 14 -4.81 -31.31 -14.41
N ASP A 15 -5.43 -32.49 -14.53
CA ASP A 15 -6.33 -33.06 -13.49
C ASP A 15 -5.58 -33.39 -12.23
N GLN A 16 -6.30 -33.31 -11.12
CA GLN A 16 -5.68 -33.52 -9.84
C GLN A 16 -6.52 -34.51 -9.08
N LEU A 17 -5.99 -35.02 -7.96
CA LEU A 17 -6.82 -35.79 -7.04
C LEU A 17 -8.03 -34.93 -6.67
N GLN A 18 -9.25 -35.39 -6.97
CA GLN A 18 -10.44 -34.66 -6.52
C GLN A 18 -10.56 -33.27 -7.19
N SER A 19 -9.70 -32.96 -8.16
CA SER A 19 -9.90 -31.78 -9.05
C SER A 19 -8.86 -31.54 -10.19
N TYR A 20 -8.77 -30.28 -10.62
CA TYR A 20 -7.91 -29.88 -11.74
C TYR A 20 -7.24 -28.55 -11.49
N ILE A 21 -6.51 -28.08 -12.48
CA ILE A 21 -5.74 -26.88 -12.37
C ILE A 21 -5.62 -26.34 -13.76
N CYS A 22 -6.01 -25.10 -14.03
CA CYS A 22 -5.85 -24.52 -15.36
C CYS A 22 -4.60 -23.68 -15.46
N PHE A 23 -3.74 -23.99 -16.44
CA PHE A 23 -2.64 -23.14 -16.87
C PHE A 23 -3.15 -22.21 -17.93
N CYS A 24 -3.21 -20.91 -17.64
CA CYS A 24 -3.78 -19.94 -18.58
C CYS A 24 -2.75 -19.38 -19.58
N LEU A 25 -3.22 -18.85 -20.71
CA LEU A 25 -2.38 -18.08 -21.61
C LEU A 25 -2.12 -16.72 -20.97
N PRO A 26 -1.05 -16.03 -21.39
CA PRO A 26 -0.61 -14.78 -20.77
C PRO A 26 -1.70 -13.73 -20.44
N ALA A 27 -2.70 -13.59 -21.31
CA ALA A 27 -3.72 -12.54 -21.19
C ALA A 27 -4.93 -12.91 -20.32
N PHE A 28 -4.87 -14.08 -19.68
CA PHE A 28 -6.01 -14.60 -18.94
C PHE A 28 -5.65 -15.09 -17.55
N GLU A 29 -6.61 -14.94 -16.64
CA GLU A 29 -6.48 -15.56 -15.32
C GLU A 29 -7.82 -16.09 -14.83
N GLY A 30 -7.89 -16.63 -13.63
CA GLY A 30 -9.09 -17.24 -13.21
C GLY A 30 -8.92 -18.72 -13.11
N ARG A 31 -9.78 -19.32 -12.29
CA ARG A 31 -9.82 -20.78 -12.12
C ARG A 31 -9.84 -21.50 -13.47
N ASN A 32 -10.72 -20.99 -14.33
CA ASN A 32 -10.99 -21.50 -15.65
C ASN A 32 -10.49 -20.57 -16.72
N CYS A 33 -9.52 -19.74 -16.43
CA CYS A 33 -9.02 -18.86 -17.44
C CYS A 33 -10.08 -17.95 -18.01
N GLU A 34 -11.16 -17.72 -17.26
CA GLU A 34 -12.31 -16.97 -17.76
C GLU A 34 -12.17 -15.46 -17.66
N THR A 35 -11.11 -15.01 -16.97
CA THR A 35 -10.95 -13.59 -16.68
C THR A 35 -10.03 -12.91 -17.67
N HIS A 36 -10.54 -11.81 -18.22
CA HIS A 36 -9.87 -11.11 -19.32
C HIS A 36 -8.99 -10.02 -18.74
N LYS A 37 -7.67 -10.23 -18.81
CA LYS A 37 -6.74 -9.22 -18.36
C LYS A 37 -6.90 -7.90 -19.16
N ASP A 38 -6.94 -8.02 -20.50
CA ASP A 38 -7.03 -6.89 -21.43
C ASP A 38 -8.16 -5.94 -21.08
N ASP A 39 -8.85 -6.17 -20.00
CA ASP A 39 -10.23 -5.79 -20.01
C ASP A 39 -10.68 -5.17 -18.69
N GLN A 40 -9.73 -4.70 -17.92
CA GLN A 40 -10.12 -4.07 -16.69
C GLN A 40 -9.33 -2.74 -16.58
N LEU A 41 -9.37 -1.91 -17.64
CA LEU A 41 -8.75 -0.58 -17.59
C LEU A 41 -9.67 0.39 -16.87
N ILE A 42 -9.66 0.29 -15.54
CA ILE A 42 -10.47 1.14 -14.69
C ILE A 42 -9.60 1.80 -13.57
N CYS A 43 -10.09 2.83 -12.87
CA CYS A 43 -9.19 3.69 -12.10
C CYS A 43 -8.74 3.09 -10.81
N VAL A 44 -9.57 2.18 -10.33
CA VAL A 44 -9.32 1.56 -9.09
C VAL A 44 -8.44 0.39 -9.38
N ASN A 45 -7.99 0.19 -10.63
CA ASN A 45 -7.04 -0.86 -10.95
C ASN A 45 -5.73 -0.27 -11.43
N GLU A 46 -4.73 -0.21 -10.51
CA GLU A 46 -3.42 0.40 -10.82
C GLU A 46 -3.62 1.73 -11.45
N ASN A 47 -4.53 2.54 -10.88
CA ASN A 47 -4.69 3.84 -11.42
C ASN A 47 -5.02 4.04 -12.91
N GLY A 48 -5.59 3.02 -13.52
CA GLY A 48 -5.98 3.08 -14.93
C GLY A 48 -4.71 3.09 -15.75
N GLY A 49 -3.56 2.90 -15.12
CA GLY A 49 -2.26 2.94 -15.82
C GLY A 49 -1.82 4.38 -16.05
N CYS A 50 -2.53 5.31 -15.45
CA CYS A 50 -2.20 6.72 -15.55
C CYS A 50 -1.08 7.04 -14.55
N GLU A 51 -0.24 8.00 -14.95
CA GLU A 51 0.90 8.46 -14.13
C GLU A 51 0.39 9.32 -12.99
N GLN A 52 -0.62 10.11 -13.28
CA GLN A 52 -1.20 10.94 -12.21
C GLN A 52 -2.69 10.69 -12.11
N TYR A 53 -3.48 11.54 -12.75
CA TYR A 53 -4.93 11.52 -12.52
C TYR A 53 -5.75 10.67 -13.48
N CYS A 54 -6.74 9.94 -12.93
CA CYS A 54 -7.57 9.04 -13.71
C CYS A 54 -9.04 9.44 -13.69
N SER A 55 -9.62 9.48 -14.89
CA SER A 55 -11.05 9.61 -15.00
C SER A 55 -11.68 8.46 -15.76
N ASP A 56 -12.61 7.79 -15.12
CA ASP A 56 -13.41 6.78 -15.73
C ASP A 56 -14.52 7.47 -16.46
N HIS A 57 -14.91 6.91 -17.59
CA HIS A 57 -15.97 7.41 -18.42
C HIS A 57 -17.01 6.33 -18.72
N THR A 58 -18.27 6.64 -18.47
CA THR A 58 -19.42 5.91 -19.02
C THR A 58 -19.28 5.45 -20.45
N GLY A 59 -19.07 4.16 -20.69
CA GLY A 59 -19.16 3.65 -22.05
C GLY A 59 -17.94 3.73 -22.95
N THR A 60 -16.92 4.43 -22.47
CA THR A 60 -15.76 4.78 -23.26
C THR A 60 -14.61 4.54 -22.32
N LYS A 61 -13.43 4.58 -22.92
CA LYS A 61 -12.14 4.54 -22.28
C LYS A 61 -11.96 5.61 -21.24
N ARG A 62 -11.45 5.21 -20.09
CA ARG A 62 -10.86 6.11 -19.13
C ARG A 62 -9.83 7.03 -19.80
N SER A 63 -9.85 8.26 -19.37
CA SER A 63 -8.81 9.21 -19.73
C SER A 63 -7.87 9.54 -18.51
N CYS A 64 -6.60 9.82 -18.84
CA CYS A 64 -5.62 10.34 -17.86
C CYS A 64 -5.54 11.87 -17.90
N ARG A 65 -5.20 12.47 -16.78
CA ARG A 65 -5.01 13.88 -16.65
C ARG A 65 -3.81 14.13 -15.73
N CYS A 66 -3.42 15.39 -15.65
CA CYS A 66 -2.22 15.82 -14.92
C CYS A 66 -2.48 16.88 -13.91
N HIS A 67 -1.59 16.97 -12.92
CA HIS A 67 -1.64 18.10 -11.99
C HIS A 67 -1.22 19.37 -12.77
N GLU A 68 -1.67 20.55 -12.34
CA GLU A 68 -1.00 21.84 -12.67
C GLU A 68 0.54 21.81 -12.61
N GLY A 69 1.15 22.45 -13.60
CA GLY A 69 2.58 22.37 -13.75
C GLY A 69 3.01 21.24 -14.62
N TYR A 70 2.03 20.49 -15.10
CA TYR A 70 2.26 19.23 -15.86
C TYR A 70 1.30 19.21 -17.04
N SER A 71 1.66 18.49 -18.10
CA SER A 71 0.82 18.33 -19.26
C SER A 71 0.93 16.86 -19.68
N LEU A 72 -0.10 16.34 -20.34
CA LEU A 72 -0.18 14.93 -20.71
C LEU A 72 0.70 14.65 -21.94
N LEU A 73 1.41 13.54 -21.96
CA LEU A 73 2.22 13.22 -23.12
C LEU A 73 1.47 12.48 -24.25
N ALA A 74 2.16 12.20 -25.38
CA ALA A 74 1.53 11.59 -26.56
C ALA A 74 0.94 10.25 -26.19
N ASP A 75 1.64 9.49 -25.36
CA ASP A 75 1.18 8.13 -25.03
C ASP A 75 -0.17 8.13 -24.26
N GLY A 76 -0.63 9.32 -23.84
CA GLY A 76 -1.93 9.46 -23.14
C GLY A 76 -1.97 9.05 -21.67
N VAL A 77 -0.84 8.67 -21.07
CA VAL A 77 -0.80 8.22 -19.67
C VAL A 77 0.22 8.98 -18.76
N SER A 78 1.39 9.31 -19.33
CA SER A 78 2.49 10.06 -18.69
C SER A 78 2.32 11.57 -18.65
N CYS A 79 2.95 12.21 -17.68
CA CYS A 79 2.96 13.63 -17.51
C CYS A 79 4.38 14.21 -17.57
N THR A 80 4.48 15.45 -17.99
CA THR A 80 5.77 16.11 -18.16
C THR A 80 5.65 17.48 -17.57
N PRO A 81 6.66 17.88 -16.80
CA PRO A 81 6.67 19.21 -16.23
C PRO A 81 6.52 20.30 -17.32
N THR A 82 5.66 21.29 -17.10
CA THR A 82 5.63 22.37 -18.05
C THR A 82 6.25 23.65 -17.42
N VAL A 83 6.57 23.54 -16.13
CA VAL A 83 7.21 24.58 -15.39
C VAL A 83 8.56 24.14 -14.77
N GLU A 84 9.12 25.11 -14.04
CA GLU A 84 10.52 25.13 -13.69
C GLU A 84 10.71 24.27 -12.48
N TYR A 85 9.85 24.54 -11.49
CA TYR A 85 9.82 23.74 -10.28
C TYR A 85 8.41 23.12 -10.06
N PRO A 86 8.16 21.98 -10.72
CA PRO A 86 6.88 21.29 -10.59
C PRO A 86 6.68 20.87 -9.16
N CYS A 87 5.44 20.91 -8.66
CA CYS A 87 5.17 20.42 -7.31
C CYS A 87 5.52 18.92 -7.17
N GLY A 88 6.08 18.51 -6.00
CA GLY A 88 6.21 17.11 -5.63
C GLY A 88 7.40 16.54 -6.41
N LYS A 89 8.28 17.37 -6.92
CA LYS A 89 9.57 16.80 -7.57
C LYS A 89 10.70 17.40 -6.82
N ILE A 90 11.79 16.63 -6.63
CA ILE A 90 12.95 16.97 -5.79
C ILE A 90 14.19 17.25 -6.67
N PRO A 91 14.46 18.55 -6.91
CA PRO A 91 15.37 19.06 -7.93
C PRO A 91 16.77 18.53 -7.65
N ILE A 92 17.13 18.39 -6.37
CA ILE A 92 18.45 17.88 -6.06
C ILE A 92 18.64 16.44 -6.59
N LEU A 93 17.51 15.73 -6.74
CA LEU A 93 17.50 14.32 -7.17
C LEU A 93 17.16 14.23 -8.65
N GLU A 94 16.35 15.17 -9.12
CA GLU A 94 16.12 15.34 -10.57
C GLU A 94 17.47 15.55 -11.25
N ILE B 1 10.61 13.39 15.40
CA ILE B 1 10.69 12.06 14.69
C ILE B 1 11.51 11.22 15.61
N VAL B 2 10.91 10.11 16.04
CA VAL B 2 11.60 9.08 16.80
C VAL B 2 12.06 7.99 15.82
N GLY B 3 13.31 7.65 15.86
CA GLY B 3 13.78 6.54 15.01
C GLY B 3 14.01 6.76 13.55
N GLY B 4 14.06 8.03 13.14
CA GLY B 4 14.32 8.32 11.74
C GLY B 4 15.78 8.57 11.36
N LYS B 5 15.95 9.34 10.30
CA LYS B 5 17.26 9.72 9.79
C LYS B 5 17.30 11.19 9.53
N VAL B 6 18.49 11.73 9.31
CA VAL B 6 18.61 13.14 8.96
C VAL B 6 18.26 13.19 7.50
N CYS B 7 17.39 14.12 7.12
CA CYS B 7 16.97 14.20 5.75
C CYS B 7 18.12 14.96 5.12
N PRO B 8 18.84 14.39 4.14
CA PRO B 8 19.85 15.20 3.41
C PRO B 8 19.34 16.55 2.92
N LYS B 9 20.13 17.61 3.03
CA LYS B 9 19.68 18.97 2.60
C LYS B 9 18.97 18.95 1.26
N GLY B 10 17.75 19.53 1.22
CA GLY B 10 16.95 19.76 -0.01
C GLY B 10 16.23 18.56 -0.55
N GLU B 11 16.14 17.51 0.25
CA GLU B 11 15.34 16.34 -0.10
C GLU B 11 13.98 16.35 0.56
N CYS B 12 13.69 17.36 1.36
CA CYS B 12 12.30 17.59 1.77
C CYS B 12 11.91 19.04 1.53
N PRO B 13 11.88 19.47 0.24
CA PRO B 13 11.99 20.87 -0.01
C PRO B 13 10.68 21.57 0.31
N TRP B 14 9.68 20.83 0.79
CA TRP B 14 8.32 21.45 0.97
C TRP B 14 8.16 21.57 2.45
N GLN B 15 9.15 21.07 3.20
CA GLN B 15 9.20 21.26 4.64
C GLN B 15 9.14 22.73 5.14
N VAL B 16 8.22 23.06 6.03
CA VAL B 16 8.12 24.43 6.57
C VAL B 16 8.38 24.33 8.10
N LEU B 17 9.06 25.33 8.69
CA LEU B 17 9.27 25.47 10.11
C LEU B 17 8.55 26.69 10.52
N LEU B 18 7.66 26.53 11.49
CA LEU B 18 6.90 27.65 12.01
C LEU B 18 7.51 28.08 13.34
N LEU B 19 7.70 29.39 13.48
CA LEU B 19 8.28 29.98 14.68
C LEU B 19 7.33 31.04 15.25
N VAL B 20 7.17 31.12 16.57
CA VAL B 20 6.56 32.33 17.20
C VAL B 20 7.58 32.95 18.16
N ASN B 21 7.88 34.23 17.94
CA ASN B 21 8.89 34.92 18.72
C ASN B 21 10.25 34.23 18.55
N GLY B 22 10.45 33.58 17.42
CA GLY B 22 11.72 32.96 17.20
C GLY B 22 11.85 31.62 17.85
N ALA B 23 10.79 31.20 18.55
CA ALA B 23 10.74 29.87 19.16
C ALA B 23 9.96 28.90 18.26
N GLN B 24 10.51 27.70 18.04
CA GLN B 24 9.81 26.54 17.46
C GLN B 24 8.36 26.36 17.95
N LEU B 25 7.44 26.27 16.97
CA LEU B 25 6.00 25.93 17.14
C LEU B 25 5.68 24.58 16.50
N CYS B 26 5.96 24.45 15.18
CA CYS B 26 5.33 23.42 14.38
C CYS B 26 6.12 23.16 13.10
N GLY B 27 5.67 22.15 12.35
CA GLY B 27 6.08 21.89 10.95
C GLY B 27 4.95 22.45 10.16
N GLY B 28 5.10 22.43 8.85
CA GLY B 28 3.99 22.71 7.88
C GLY B 28 4.46 22.14 6.57
N THR B 29 3.62 22.19 5.54
CA THR B 29 4.03 21.81 4.16
C THR B 29 3.71 22.90 3.23
N LEU B 30 4.62 23.15 2.29
CA LEU B 30 4.44 24.19 1.32
C LEU B 30 3.59 23.64 0.20
N ILE B 31 2.39 24.20 -0.07
CA ILE B 31 1.66 23.66 -1.23
C ILE B 31 1.60 24.57 -2.45
N ASN B 32 1.91 25.84 -2.22
CA ASN B 32 2.35 26.75 -3.24
C ASN B 32 3.05 27.92 -2.67
N THR B 33 3.42 28.88 -3.52
CA THR B 33 4.36 29.95 -3.13
C THR B 33 3.91 30.74 -1.96
N ILE B 34 2.58 30.76 -1.71
CA ILE B 34 2.03 31.52 -0.54
C ILE B 34 1.18 30.73 0.44
N TRP B 35 1.07 29.42 0.26
CA TRP B 35 0.10 28.67 1.09
C TRP B 35 0.83 27.52 1.67
N VAL B 36 0.70 27.45 2.97
CA VAL B 36 1.29 26.36 3.72
C VAL B 36 0.20 25.63 4.48
N VAL B 37 0.28 24.31 4.48
CA VAL B 37 -0.66 23.52 5.29
C VAL B 37 -0.08 23.08 6.64
N SER B 38 -0.78 23.31 7.77
CA SER B 38 -0.23 22.94 9.11
C SER B 38 -1.34 22.20 9.92
N ALA B 39 -1.28 22.22 11.27
CA ALA B 39 -2.11 21.40 12.07
C ALA B 39 -2.81 22.46 12.96
N ALA B 40 -4.11 22.48 13.03
CA ALA B 40 -4.81 23.47 13.82
C ALA B 40 -4.35 23.64 15.23
N HIS B 41 -3.96 22.55 15.86
CA HIS B 41 -3.81 22.56 17.34
C HIS B 41 -2.56 23.31 17.71
N CYS B 42 -1.69 23.55 16.73
CA CYS B 42 -0.49 24.36 16.97
C CYS B 42 -0.84 25.80 17.34
N PHE B 43 -2.05 26.26 17.03
CA PHE B 43 -2.39 27.65 17.13
C PHE B 43 -3.31 27.81 18.31
N ASP B 44 -3.32 26.83 19.19
CA ASP B 44 -4.27 26.91 20.30
C ASP B 44 -3.90 27.94 21.36
N LYS B 45 -2.60 28.28 21.43
CA LYS B 45 -2.11 29.18 22.49
C LYS B 45 -1.66 30.56 21.93
N ILE B 46 -0.65 30.59 21.06
CA ILE B 46 -0.32 31.79 20.27
C ILE B 46 -0.69 33.15 20.95
N LYS B 47 0.27 33.75 21.67
CA LYS B 47 0.05 35.09 22.30
C LYS B 47 -0.05 36.24 21.25
N ASN B 48 1.07 36.55 20.56
CA ASN B 48 1.09 37.59 19.57
C ASN B 48 1.24 36.98 18.21
N TRP B 49 0.20 37.18 17.38
CA TRP B 49 0.19 36.83 15.92
C TRP B 49 1.05 37.75 15.03
N ARG B 50 1.20 39.01 15.42
CA ARG B 50 2.12 39.91 14.72
C ARG B 50 3.32 39.14 14.10
N ASN B 51 3.76 38.05 14.76
CA ASN B 51 5.06 37.39 14.44
C ASN B 51 5.08 35.88 14.79
N LEU B 52 4.08 35.08 14.42
CA LEU B 52 4.17 34.13 13.27
C LEU B 52 5.07 34.25 12.06
N ILE B 53 5.97 33.29 11.92
CA ILE B 53 6.87 33.30 10.80
C ILE B 53 7.07 31.86 10.30
N ALA B 54 7.14 31.72 8.97
CA ALA B 54 7.33 30.43 8.32
C ALA B 54 8.70 30.44 7.76
N VAL B 55 9.41 29.34 7.89
CA VAL B 55 10.70 29.26 7.26
C VAL B 55 10.79 28.14 6.23
N LEU B 56 11.25 28.50 5.06
CA LEU B 56 11.34 27.58 3.99
C LEU B 56 12.77 27.33 3.64
N GLY B 57 13.16 26.15 3.19
CA GLY B 57 14.53 25.90 2.82
C GLY B 57 15.40 25.69 4.06
N GLU B 58 14.77 25.68 5.25
CA GLU B 58 15.48 25.42 6.49
C GLU B 58 15.88 23.97 6.56
N HIS B 59 17.03 23.71 7.20
CA HIS B 59 17.60 22.37 7.33
C HIS B 59 18.28 22.12 8.70
N ASP B 60 19.38 22.83 8.96
CA ASP B 60 20.08 22.80 10.26
C ASP B 60 19.69 24.03 11.11
N LEU B 61 18.84 23.90 12.12
CA LEU B 61 18.29 25.05 12.85
C LEU B 61 19.35 25.90 13.52
N SER B 62 20.52 25.34 13.74
CA SER B 62 21.49 26.05 14.54
C SER B 62 22.50 26.83 13.68
N GLU B 63 22.03 27.69 12.77
CA GLU B 63 22.91 28.40 11.84
C GLU B 63 22.35 28.22 10.48
N HIS B 64 22.95 28.78 9.44
CA HIS B 64 22.34 29.84 8.63
C HIS B 64 23.22 29.67 7.47
N ASP B 65 22.72 29.08 6.40
CA ASP B 65 23.49 28.96 5.21
C ASP B 65 22.75 29.73 4.12
N GLY B 66 23.06 29.51 2.88
CA GLY B 66 22.19 30.20 1.87
C GLY B 66 20.62 30.25 2.00
N ASP B 67 20.00 29.15 2.39
CA ASP B 67 18.77 28.73 1.76
C ASP B 67 17.40 29.11 2.34
N GLU B 68 17.40 29.61 3.55
CA GLU B 68 16.17 29.77 4.25
C GLU B 68 15.47 30.94 3.70
N GLN B 69 14.13 30.94 3.64
CA GLN B 69 13.34 32.20 3.44
C GLN B 69 12.30 32.37 4.50
N SER B 70 12.12 33.56 5.10
CA SER B 70 11.20 33.68 6.18
C SER B 70 10.13 34.53 5.68
N ARG B 71 8.89 34.30 6.14
CA ARG B 71 7.77 35.11 5.79
C ARG B 71 6.89 35.25 7.01
N ARG B 72 6.36 36.43 7.27
CA ARG B 72 5.26 36.58 8.18
C ARG B 72 4.08 35.81 7.61
N VAL B 73 3.33 35.25 8.52
CA VAL B 73 2.14 34.53 8.16
C VAL B 73 1.01 35.52 8.32
N ALA B 74 0.35 35.85 7.20
CA ALA B 74 -0.70 36.83 7.13
C ALA B 74 -2.01 36.29 7.70
N GLN B 75 -2.34 35.04 7.40
CA GLN B 75 -3.57 34.49 7.95
C GLN B 75 -3.47 32.99 8.26
N VAL B 76 -4.12 32.59 9.33
CA VAL B 76 -4.26 31.18 9.72
C VAL B 76 -5.73 30.83 9.60
N ILE B 77 -6.04 29.94 8.67
CA ILE B 77 -7.39 29.50 8.52
C ILE B 77 -7.52 28.03 9.05
N ILE B 78 -8.44 27.81 9.99
CA ILE B 78 -8.76 26.45 10.51
C ILE B 78 -10.27 26.07 10.34
N PRO B 79 -10.59 24.75 10.21
CA PRO B 79 -11.93 24.37 9.86
C PRO B 79 -12.82 24.84 11.01
N SER B 80 -14.10 25.14 10.77
CA SER B 80 -14.96 25.65 11.84
C SER B 80 -15.51 24.59 12.80
N THR B 81 -15.29 23.34 12.41
CA THR B 81 -15.60 22.16 13.20
C THR B 81 -14.45 21.69 14.09
N TYR B 82 -13.27 22.30 13.96
CA TYR B 82 -12.15 22.01 14.86
C TYR B 82 -12.52 22.60 16.19
N VAL B 83 -12.30 21.88 17.28
CA VAL B 83 -12.57 22.42 18.62
C VAL B 83 -11.28 22.47 19.42
N PRO B 84 -10.89 23.66 19.88
CA PRO B 84 -9.58 23.73 20.51
C PRO B 84 -9.35 22.67 21.60
N GLY B 85 -8.20 22.02 21.61
CA GLY B 85 -7.95 21.06 22.69
C GLY B 85 -8.29 19.62 22.34
N THR B 86 -9.13 19.43 21.34
CA THR B 86 -9.52 18.09 20.86
C THR B 86 -8.73 17.70 19.59
N THR B 87 -9.08 16.59 18.95
CA THR B 87 -8.18 15.98 17.93
C THR B 87 -8.76 16.00 16.54
N ASN B 88 -10.08 16.18 16.44
CA ASN B 88 -10.72 16.01 15.16
C ASN B 88 -10.49 17.27 14.30
N HIS B 89 -10.25 17.11 12.99
CA HIS B 89 -10.28 18.28 12.10
C HIS B 89 -9.03 19.13 12.32
N ASP B 90 -7.92 18.46 12.56
CA ASP B 90 -6.66 19.11 12.89
C ASP B 90 -5.88 19.49 11.65
N ILE B 91 -6.35 20.54 10.96
CA ILE B 91 -5.71 21.07 9.76
C ILE B 91 -5.78 22.60 9.83
N ALA B 92 -4.75 23.27 9.32
CA ALA B 92 -4.77 24.76 9.25
C ALA B 92 -4.20 25.13 7.92
N LEU B 93 -4.69 26.21 7.33
CA LEU B 93 -4.11 26.63 6.11
C LEU B 93 -3.60 28.06 6.33
N LEU B 94 -2.37 28.33 5.92
CA LEU B 94 -1.69 29.58 6.25
C LEU B 94 -1.33 30.31 5.01
N ARG B 95 -1.74 31.58 4.97
CA ARG B 95 -1.39 32.54 3.87
C ARG B 95 -0.14 33.28 4.34
N LEU B 96 0.96 33.13 3.62
CA LEU B 96 2.16 33.95 3.81
C LEU B 96 1.92 35.40 3.31
N HIS B 97 2.57 36.39 3.95
CA HIS B 97 2.47 37.81 3.52
C HIS B 97 3.02 37.97 2.15
N GLN B 98 4.14 37.30 1.82
CA GLN B 98 4.60 37.39 0.46
C GLN B 98 5.04 36.03 0.02
N PRO B 99 4.90 35.76 -1.26
CA PRO B 99 5.30 34.41 -1.69
C PRO B 99 6.75 34.11 -1.33
N VAL B 100 7.10 32.83 -1.11
CA VAL B 100 8.54 32.45 -1.07
C VAL B 100 8.96 32.31 -2.47
N VAL B 101 10.23 31.93 -2.75
CA VAL B 101 10.70 31.84 -4.13
C VAL B 101 11.16 30.40 -4.27
N LEU B 102 10.77 29.75 -5.35
CA LEU B 102 10.98 28.34 -5.47
C LEU B 102 12.42 28.21 -5.92
N THR B 103 13.15 27.30 -5.29
CA THR B 103 14.54 27.04 -5.69
C THR B 103 14.74 25.59 -5.51
N ASP B 104 15.92 25.11 -5.88
CA ASP B 104 16.43 23.81 -5.54
C ASP B 104 15.99 23.19 -4.21
N HIS B 105 15.44 23.93 -3.25
CA HIS B 105 15.71 23.91 -1.83
C HIS B 105 14.33 24.26 -1.30
N VAL B 106 13.49 24.89 -2.12
CA VAL B 106 12.13 25.34 -1.76
C VAL B 106 11.15 25.02 -2.92
N VAL B 107 10.30 24.00 -2.69
CA VAL B 107 9.39 23.40 -3.65
C VAL B 107 8.12 22.94 -3.03
N PRO B 108 6.99 23.22 -3.68
CA PRO B 108 5.68 22.83 -3.13
C PRO B 108 5.47 21.32 -3.19
N LEU B 109 4.75 20.76 -2.20
CA LEU B 109 4.24 19.36 -2.34
C LEU B 109 2.90 19.36 -3.09
N CYS B 110 2.71 18.47 -4.09
CA CYS B 110 1.34 18.33 -4.76
C CYS B 110 0.18 18.03 -3.80
N LEU B 111 -0.89 18.82 -3.92
CA LEU B 111 -2.07 18.59 -3.10
C LEU B 111 -2.86 17.69 -4.13
N PRO B 112 -3.02 16.36 -3.87
CA PRO B 112 -3.64 15.52 -4.90
C PRO B 112 -5.12 15.75 -5.03
N GLU B 113 -5.73 15.37 -6.15
CA GLU B 113 -7.16 15.17 -6.22
C GLU B 113 -7.69 14.18 -5.20
N ARG B 114 -8.89 14.35 -4.78
CA ARG B 114 -9.38 13.53 -3.73
C ARG B 114 -9.56 12.07 -4.07
N THR B 115 -10.15 11.78 -5.20
CA THR B 115 -10.44 10.41 -5.50
C THR B 115 -9.14 9.65 -5.90
N PHE B 116 -8.24 10.29 -6.56
CA PHE B 116 -6.82 9.79 -6.71
C PHE B 116 -6.20 9.44 -5.38
N SER B 117 -6.53 10.25 -4.39
CA SER B 117 -5.93 10.13 -3.09
C SER B 117 -6.62 9.01 -2.31
N GLU B 118 -7.98 8.87 -2.39
CA GLU B 118 -8.66 7.75 -1.81
C GLU B 118 -8.33 6.42 -2.46
N ARG B 119 -8.13 6.46 -3.73
CA ARG B 119 -8.14 5.24 -4.51
C ARG B 119 -6.75 4.74 -4.72
N THR B 120 -5.81 5.63 -4.97
CA THR B 120 -4.44 5.13 -5.33
C THR B 120 -3.47 5.34 -4.21
N LEU B 121 -3.32 6.59 -3.81
CA LEU B 121 -2.33 6.96 -2.81
C LEU B 121 -2.53 6.37 -1.44
N ALA B 122 -3.77 6.01 -1.16
CA ALA B 122 -4.10 5.38 0.15
C ALA B 122 -3.59 3.97 0.20
N PHE B 123 -3.07 3.45 -0.91
CA PHE B 123 -2.65 2.01 -0.93
C PHE B 123 -1.23 1.81 -1.38
N VAL B 124 -0.56 2.94 -1.55
CA VAL B 124 0.89 3.01 -1.49
C VAL B 124 1.27 2.81 -0.03
N ARG B 125 2.16 1.85 0.20
CA ARG B 125 2.27 1.40 1.61
C ARG B 125 3.05 2.32 2.53
N PHE B 126 4.25 2.70 2.06
CA PHE B 126 5.12 3.57 2.83
C PHE B 126 5.03 5.05 2.42
N SER B 127 4.97 5.91 3.46
CA SER B 127 5.11 7.37 3.20
C SER B 127 6.04 8.03 4.20
N LEU B 128 6.59 9.22 3.90
CA LEU B 128 7.63 9.87 4.70
C LEU B 128 6.99 10.92 5.59
N VAL B 129 7.26 10.91 6.92
CA VAL B 129 6.98 12.05 7.84
C VAL B 129 8.30 12.65 8.31
N SER B 130 8.27 13.96 8.49
CA SER B 130 9.48 14.70 8.75
C SER B 130 9.31 15.83 9.68
N GLY B 131 10.42 16.22 10.34
CA GLY B 131 10.29 17.36 11.28
C GLY B 131 11.53 17.52 12.15
N TRP B 132 11.38 18.50 13.04
CA TRP B 132 12.39 18.93 13.95
C TRP B 132 11.92 18.77 15.34
N GLY B 133 10.94 17.89 15.55
CA GLY B 133 10.38 17.73 16.90
C GLY B 133 11.26 16.79 17.69
N GLN B 134 10.69 16.33 18.79
CA GLN B 134 11.42 15.56 19.83
C GLN B 134 11.93 14.27 19.24
N LEU B 135 13.17 13.89 19.56
CA LEU B 135 13.68 12.67 19.00
C LEU B 135 13.32 11.51 19.89
N LEU B 136 12.59 11.75 21.05
CA LEU B 136 12.16 10.65 21.80
C LEU B 136 11.09 11.26 22.71
N ASP B 137 10.16 10.43 23.15
CA ASP B 137 9.05 10.91 23.96
C ASP B 137 9.51 11.94 24.99
N ARG B 138 10.45 11.69 25.89
CA ARG B 138 10.58 12.94 26.60
C ARG B 138 11.71 13.96 26.29
N GLY B 139 12.39 13.69 25.16
CA GLY B 139 13.64 14.19 24.87
C GLY B 139 13.81 15.45 24.05
N ALA B 140 14.97 15.48 23.44
CA ALA B 140 15.47 16.68 22.84
C ALA B 140 14.89 16.74 21.43
N THR B 141 14.37 17.94 21.08
CA THR B 141 13.94 18.30 19.74
C THR B 141 15.19 18.27 18.83
N ALA B 142 15.02 18.01 17.54
CA ALA B 142 16.15 17.95 16.63
C ALA B 142 16.61 19.31 16.12
N LEU B 143 17.72 19.25 15.42
CA LEU B 143 18.40 20.45 14.99
C LEU B 143 18.71 20.30 13.50
N GLU B 144 18.89 19.08 13.03
CA GLU B 144 18.76 18.86 11.61
C GLU B 144 17.48 18.12 11.24
N LEU B 145 16.90 18.45 10.08
CA LEU B 145 15.62 17.86 9.68
C LEU B 145 15.66 16.37 9.69
N MET B 146 14.74 15.81 10.45
CA MET B 146 14.63 14.35 10.57
C MET B 146 13.51 13.88 9.63
N VAL B 147 13.71 12.76 9.00
CA VAL B 147 12.73 12.08 8.16
C VAL B 147 12.52 10.56 8.54
N LEU B 148 11.29 10.04 8.35
CA LEU B 148 10.99 8.63 8.76
C LEU B 148 10.00 8.00 7.79
N ASN B 149 10.20 6.78 7.30
CA ASN B 149 9.21 6.07 6.51
C ASN B 149 8.21 5.21 7.26
N VAL B 150 6.88 5.59 7.38
CA VAL B 150 5.96 4.68 7.98
C VAL B 150 4.99 4.10 7.00
N PRO B 151 4.42 2.87 7.22
CA PRO B 151 3.40 2.15 6.55
C PRO B 151 2.00 2.70 7.02
N ARG B 152 1.03 2.78 6.15
CA ARG B 152 -0.26 3.26 6.45
C ARG B 152 -1.10 2.03 6.85
N LEU B 153 -2.07 2.28 7.74
CA LEU B 153 -3.06 1.31 8.05
C LEU B 153 -4.49 1.75 7.82
N MET B 154 -5.34 0.81 7.34
CA MET B 154 -6.74 1.05 7.35
C MET B 154 -7.22 1.03 8.78
N THR B 155 -8.25 1.80 9.07
CA THR B 155 -8.62 2.05 10.48
C THR B 155 -9.04 0.78 11.24
N GLN B 156 -9.62 -0.21 10.53
CA GLN B 156 -9.99 -1.45 11.17
C GLN B 156 -8.76 -2.14 11.72
N ASP B 157 -7.69 -2.31 10.90
CA ASP B 157 -6.36 -2.76 11.38
C ASP B 157 -5.82 -1.95 12.59
N CYS B 158 -5.91 -0.63 12.53
CA CYS B 158 -5.48 0.28 13.57
C CYS B 158 -6.23 -0.08 14.84
N LEU B 159 -7.54 -0.11 14.76
CA LEU B 159 -8.35 -0.43 15.95
C LEU B 159 -8.05 -1.85 16.48
N GLN B 160 -7.70 -2.80 15.60
CA GLN B 160 -7.49 -4.14 16.01
C GLN B 160 -6.16 -4.34 16.70
N GLN B 161 -5.15 -3.59 16.27
CA GLN B 161 -3.78 -3.75 16.75
C GLN B 161 -3.40 -2.90 17.92
N SER B 162 -4.22 -1.93 18.27
CA SER B 162 -3.89 -1.06 19.33
C SER B 162 -4.45 -1.49 20.67
N ARG B 163 -3.62 -1.39 21.73
CA ARG B 163 -4.06 -1.52 23.10
C ARG B 163 -5.11 -0.46 23.40
N LYS B 164 -6.12 -0.85 24.18
CA LYS B 164 -7.24 0.05 24.47
C LYS B 164 -6.76 1.00 25.55
N VAL B 165 -7.32 2.19 25.64
CA VAL B 165 -6.83 3.10 26.66
C VAL B 165 -7.98 3.91 27.22
N GLY B 166 -7.96 4.11 28.53
CA GLY B 166 -8.97 4.97 29.14
C GLY B 166 -9.01 6.34 28.47
N ASP B 167 -10.07 6.64 27.74
CA ASP B 167 -10.26 8.02 27.28
C ASP B 167 -9.49 8.46 26.03
N SER B 168 -8.77 7.54 25.35
CA SER B 168 -8.11 7.89 24.06
C SER B 168 -9.23 8.23 23.07
N PRO B 169 -9.01 9.27 22.25
CA PRO B 169 -9.99 9.79 21.30
C PRO B 169 -10.28 8.82 20.19
N ASN B 170 -11.43 9.00 19.55
CA ASN B 170 -11.84 8.21 18.36
C ASN B 170 -10.98 8.51 17.16
N ILE B 171 -10.47 7.48 16.47
CA ILE B 171 -9.87 7.60 15.13
C ILE B 171 -11.01 7.81 14.14
N THR B 172 -11.24 9.03 13.67
CA THR B 172 -12.37 9.31 12.82
C THR B 172 -12.06 9.18 11.33
N GLU B 173 -12.99 9.52 10.46
CA GLU B 173 -12.82 9.41 9.02
C GLU B 173 -11.92 10.53 8.48
N TYR B 174 -11.50 11.39 9.39
CA TYR B 174 -10.62 12.52 9.08
C TYR B 174 -9.23 12.24 9.60
N MET B 175 -8.85 10.94 9.88
CA MET B 175 -7.66 10.60 10.54
C MET B 175 -7.17 9.31 9.82
N PHE B 176 -5.88 8.99 9.92
CA PHE B 176 -5.52 7.54 9.73
C PHE B 176 -4.27 7.27 10.60
N CYS B 177 -3.71 5.99 10.78
CA CYS B 177 -2.60 5.73 11.68
C CYS B 177 -1.50 5.15 10.59
N ALA B 178 -0.25 5.31 10.91
CA ALA B 178 0.91 4.63 9.85
C ALA B 178 1.88 4.65 11.01
N GLY B 179 2.82 3.83 10.94
CA GLY B 179 3.82 3.75 11.92
C GLY B 179 3.88 2.29 12.38
N TYR B 180 4.61 2.12 13.48
CA TYR B 180 4.93 0.83 14.01
C TYR B 180 4.38 0.75 15.40
N SER B 181 3.94 -0.42 15.85
CA SER B 181 3.47 -0.54 17.23
C SER B 181 4.45 -1.23 18.16
N ASP B 182 5.65 -1.51 17.66
CA ASP B 182 6.69 -2.04 18.53
C ASP B 182 7.53 -1.00 19.30
N GLY B 183 7.19 0.26 19.22
CA GLY B 183 7.88 1.29 20.00
C GLY B 183 9.19 1.83 19.50
N SER B 184 9.47 1.67 18.20
CA SER B 184 10.75 2.08 17.63
C SER B 184 10.72 3.39 16.84
N LYS B 185 9.59 3.69 16.18
CA LYS B 185 9.58 4.72 15.20
C LYS B 185 8.24 5.34 15.19
N ASP B 186 8.20 6.67 15.27
CA ASP B 186 6.95 7.46 15.26
C ASP B 186 7.22 8.90 14.90
N SER B 187 6.17 9.70 14.75
CA SER B 187 6.39 11.12 14.77
C SER B 187 6.16 11.51 16.24
N CYS B 188 6.50 12.74 16.58
CA CYS B 188 6.56 13.08 17.96
C CYS B 188 6.09 14.53 18.14
N LYS B 189 6.23 15.06 19.34
CA LYS B 189 5.79 16.41 19.60
C LYS B 189 6.74 17.33 18.85
N GLY B 190 6.19 18.42 18.32
CA GLY B 190 6.86 19.36 17.41
C GLY B 190 7.00 18.99 15.96
N ASP B 191 6.75 17.71 15.64
CA ASP B 191 6.53 17.27 14.25
C ASP B 191 5.15 17.69 13.81
N SER B 192 4.26 18.06 14.75
CA SER B 192 3.00 18.42 14.29
C SER B 192 2.97 19.38 13.19
N GLY B 193 2.01 19.21 12.30
CA GLY B 193 1.62 20.20 11.39
C GLY B 193 2.44 19.71 10.13
N GLY B 194 3.39 18.83 10.26
CA GLY B 194 4.15 18.62 8.90
C GLY B 194 3.56 17.41 8.29
N PRO B 195 4.23 16.94 7.23
CA PRO B 195 3.73 16.19 6.15
C PRO B 195 3.94 14.72 6.24
N HIS B 196 2.93 13.96 5.77
CA HIS B 196 3.12 12.56 5.51
C HIS B 196 2.97 12.54 4.05
N ALA B 197 3.98 12.10 3.28
CA ALA B 197 4.09 12.38 1.88
C ALA B 197 4.34 11.08 1.12
N THR B 198 3.58 10.87 0.03
CA THR B 198 3.44 9.56 -0.53
C THR B 198 4.13 9.61 -1.95
N HIS B 199 5.01 8.72 -2.23
CA HIS B 199 5.68 8.79 -3.53
C HIS B 199 4.87 7.94 -4.50
N TYR B 200 4.44 8.50 -5.61
CA TYR B 200 3.84 7.68 -6.62
C TYR B 200 4.15 8.00 -8.06
N ARG B 201 4.53 6.98 -8.81
CA ARG B 201 5.36 7.15 -9.94
C ARG B 201 6.13 8.39 -10.22
N GLY B 202 7.08 8.72 -9.35
CA GLY B 202 7.92 9.86 -9.61
C GLY B 202 7.48 11.20 -9.10
N THR B 203 6.34 11.29 -8.40
CA THR B 203 5.91 12.58 -7.87
C THR B 203 5.35 12.38 -6.44
N TRP B 204 5.40 13.38 -5.56
CA TRP B 204 5.21 13.07 -4.15
C TRP B 204 3.89 13.87 -3.86
N TYR B 205 3.07 13.53 -2.81
CA TYR B 205 1.78 14.09 -2.73
C TYR B 205 1.52 14.15 -1.19
N LEU B 206 1.02 15.27 -0.71
CA LEU B 206 0.58 15.26 0.69
C LEU B 206 -0.47 14.22 0.83
N THR B 207 -0.42 13.29 1.81
CA THR B 207 -1.53 12.40 2.11
C THR B 207 -1.93 12.60 3.51
N GLY B 208 -1.03 13.16 4.28
CA GLY B 208 -1.39 13.38 5.66
C GLY B 208 -0.61 14.44 6.40
N ILE B 209 -1.10 14.79 7.59
CA ILE B 209 -0.46 15.75 8.44
C ILE B 209 -0.20 15.20 9.85
N VAL B 210 0.97 15.44 10.47
CA VAL B 210 1.24 14.89 11.79
C VAL B 210 0.20 15.50 12.76
N SER B 211 -0.47 14.73 13.64
CA SER B 211 -1.63 15.30 14.40
C SER B 211 -1.51 14.90 15.85
N TRP B 212 -1.69 13.62 16.24
CA TRP B 212 -1.63 13.18 17.61
C TRP B 212 -1.46 11.69 17.72
N GLY B 213 -1.54 11.07 18.88
CA GLY B 213 -0.41 10.30 19.38
C GLY B 213 -0.76 9.74 20.73
N GLN B 214 -0.53 8.47 21.04
CA GLN B 214 -0.39 8.15 22.50
C GLN B 214 1.03 8.22 22.89
N GLY B 215 1.56 9.32 23.43
CA GLY B 215 3.05 9.44 23.48
C GLY B 215 3.70 9.32 22.11
N CYS B 216 4.93 8.82 22.04
CA CYS B 216 5.53 8.66 20.77
C CYS B 216 6.31 7.36 20.79
N ALA B 217 6.04 6.49 19.83
CA ALA B 217 6.85 5.29 19.72
C ALA B 217 6.45 4.41 20.93
N THR B 218 5.29 4.70 21.52
CA THR B 218 4.64 3.89 22.56
C THR B 218 4.26 2.51 22.12
N VAL B 219 4.64 1.49 22.88
CA VAL B 219 4.38 0.12 22.50
C VAL B 219 2.87 -0.09 22.43
N GLY B 220 2.40 -0.60 21.29
CA GLY B 220 0.98 -0.87 21.22
C GLY B 220 0.17 0.17 20.51
N HIS B 221 0.80 1.24 20.00
CA HIS B 221 0.10 2.27 19.37
C HIS B 221 0.78 2.71 18.14
N PHE B 222 0.02 3.37 17.25
CA PHE B 222 0.59 3.98 16.01
C PHE B 222 0.38 5.51 16.05
N GLY B 223 1.15 6.20 15.24
CA GLY B 223 0.90 7.59 14.90
C GLY B 223 -0.43 7.78 14.21
N VAL B 224 -1.19 8.81 14.66
CA VAL B 224 -2.35 9.30 13.95
C VAL B 224 -2.18 10.63 13.16
N TYR B 225 -2.67 10.68 11.91
CA TYR B 225 -2.46 11.83 11.05
C TYR B 225 -3.81 12.41 10.60
N THR B 226 -3.84 13.62 10.13
CA THR B 226 -5.04 14.12 9.50
C THR B 226 -5.04 13.62 8.09
N ARG B 227 -6.20 13.10 7.67
CA ARG B 227 -6.45 12.53 6.36
C ARG B 227 -6.74 13.66 5.43
N VAL B 228 -5.73 14.01 4.64
CA VAL B 228 -5.78 15.28 3.90
C VAL B 228 -6.87 15.18 2.81
N SER B 229 -7.27 13.97 2.44
CA SER B 229 -8.21 13.77 1.32
C SER B 229 -9.55 14.26 1.63
N GLN B 230 -9.91 14.32 2.90
CA GLN B 230 -11.16 14.95 3.26
C GLN B 230 -11.22 16.45 3.09
N TYR B 231 -10.07 17.14 2.99
CA TYR B 231 -10.11 18.62 3.06
C TYR B 231 -9.61 19.21 1.72
N ILE B 232 -9.43 18.38 0.71
CA ILE B 232 -8.91 18.94 -0.51
C ILE B 232 -9.80 20.03 -1.14
N GLU B 233 -11.10 19.86 -1.19
CA GLU B 233 -11.88 20.91 -1.84
C GLU B 233 -12.09 22.05 -0.89
N TRP B 234 -12.02 21.79 0.40
CA TRP B 234 -11.95 22.92 1.36
C TRP B 234 -10.66 23.72 1.11
N LEU B 235 -9.53 23.03 1.01
CA LEU B 235 -8.26 23.73 0.82
C LEU B 235 -8.35 24.54 -0.42
N GLN B 236 -8.92 24.01 -1.44
CA GLN B 236 -8.89 24.71 -2.70
C GLN B 236 -9.85 25.85 -2.79
N LYS B 237 -11.04 25.73 -2.25
CA LYS B 237 -11.93 26.88 -2.27
C LYS B 237 -11.27 28.02 -1.57
N LEU B 238 -10.48 27.74 -0.55
CA LEU B 238 -9.91 28.81 0.27
C LEU B 238 -8.77 29.46 -0.47
N MET B 239 -7.92 28.66 -1.11
CA MET B 239 -6.86 29.24 -1.87
C MET B 239 -7.32 30.09 -3.05
N ARG B 240 -8.51 29.82 -3.61
CA ARG B 240 -9.03 30.47 -4.83
C ARG B 240 -9.76 31.73 -4.47
N SER B 241 -10.28 31.87 -3.26
CA SER B 241 -11.20 32.96 -3.00
C SER B 241 -10.51 34.23 -2.47
N GLU B 242 -11.32 35.24 -2.10
CA GLU B 242 -10.81 36.60 -1.84
C GLU B 242 -10.40 36.78 -0.38
N PRO B 243 -9.19 37.30 -0.14
CA PRO B 243 -8.65 37.46 1.19
C PRO B 243 -9.63 38.17 2.07
N ARG B 244 -9.76 37.73 3.31
CA ARG B 244 -10.62 38.40 4.29
C ARG B 244 -9.79 38.97 5.43
N PRO B 245 -10.34 39.93 6.17
CA PRO B 245 -9.50 40.54 7.20
C PRO B 245 -9.49 39.66 8.44
N GLY B 246 -8.49 39.84 9.30
CA GLY B 246 -8.32 39.01 10.49
C GLY B 246 -7.15 38.05 10.33
N VAL B 247 -6.52 37.66 11.45
CA VAL B 247 -5.41 36.69 11.39
C VAL B 247 -5.89 35.24 11.49
N LEU B 248 -6.59 34.89 12.57
CA LEU B 248 -7.22 33.58 12.65
C LEU B 248 -8.57 33.63 11.96
N LEU B 249 -8.80 32.72 11.04
CA LEU B 249 -10.12 32.62 10.45
C LEU B 249 -10.64 31.18 10.66
N ARG B 250 -11.87 31.09 11.18
CA ARG B 250 -12.66 29.85 11.17
C ARG B 250 -13.59 29.75 9.92
N ALA B 251 -13.22 28.92 8.96
CA ALA B 251 -13.91 28.83 7.71
C ALA B 251 -14.79 27.62 7.76
N PRO B 252 -16.01 27.74 7.27
CA PRO B 252 -17.01 26.66 7.37
C PRO B 252 -16.48 25.36 6.77
N PHE B 253 -16.79 24.25 7.43
CA PHE B 253 -16.50 22.92 6.87
C PHE B 253 -17.61 21.94 7.19
N PRO B 254 -18.07 21.22 6.18
CA PRO B 254 -17.30 21.07 4.94
C PRO B 254 -17.23 22.38 4.16
N THR C 1 -24.61 -4.53 5.31
CA THR C 1 -23.46 -4.92 4.44
C THR C 1 -22.62 -5.84 5.28
N VAL C 2 -22.13 -6.92 4.72
CA VAL C 2 -21.58 -7.98 5.53
C VAL C 2 -20.13 -8.18 5.25
N ALA C 3 -19.27 -8.35 6.27
CA ALA C 3 -17.89 -8.61 5.98
C ALA C 3 -17.73 -10.06 5.54
N ALA C 4 -16.91 -10.28 4.53
CA ALA C 4 -16.45 -11.61 4.27
C ALA C 4 -15.95 -12.32 5.52
N TYR C 5 -16.07 -13.63 5.54
CA TYR C 5 -15.40 -14.39 6.57
C TYR C 5 -14.82 -15.72 5.99
N ASN C 6 -14.22 -16.51 6.86
CA ASN C 6 -13.57 -17.74 6.45
C ASN C 6 -12.83 -17.56 5.16
N LEU C 7 -11.93 -16.59 5.14
CA LEU C 7 -11.07 -16.40 3.98
C LEU C 7 -10.03 -17.50 3.99
N THR C 8 -9.85 -18.21 2.89
CA THR C 8 -8.93 -19.37 2.89
C THR C 8 -8.14 -19.39 1.64
N TRP C 9 -6.94 -19.95 1.68
CA TRP C 9 -6.10 -20.06 0.47
C TRP C 9 -6.14 -21.49 -0.10
N LYS C 10 -6.57 -21.64 -1.35
CA LYS C 10 -6.54 -22.95 -1.94
C LYS C 10 -5.44 -22.87 -2.95
N SER C 11 -4.38 -23.64 -2.77
CA SER C 11 -3.23 -23.50 -3.69
C SER C 11 -2.57 -24.86 -4.03
N THR C 12 -2.42 -25.18 -5.31
CA THR C 12 -1.69 -26.37 -5.68
C THR C 12 -0.81 -26.03 -6.84
N ASN C 13 0.45 -26.41 -6.75
CA ASN C 13 1.40 -26.11 -7.80
C ASN C 13 1.57 -24.65 -8.10
N PHE C 14 1.39 -23.85 -7.07
CA PHE C 14 1.44 -22.43 -7.21
C PHE C 14 0.18 -21.79 -7.79
N LYS C 15 -0.65 -22.57 -8.46
CA LYS C 15 -1.95 -22.09 -8.87
C LYS C 15 -2.72 -21.77 -7.60
N THR C 16 -3.15 -20.52 -7.47
CA THR C 16 -3.53 -19.95 -6.18
C THR C 16 -4.88 -19.23 -6.27
N ILE C 17 -5.78 -19.59 -5.37
CA ILE C 17 -7.14 -19.04 -5.29
C ILE C 17 -7.50 -18.74 -3.91
N LEU C 18 -8.12 -17.57 -3.69
CA LEU C 18 -8.58 -17.25 -2.40
C LEU C 18 -10.09 -17.43 -2.43
N GLU C 19 -10.66 -18.07 -1.40
CA GLU C 19 -12.07 -18.27 -1.36
C GLU C 19 -12.54 -17.67 -0.03
N TRP C 20 -13.81 -17.29 0.06
CA TRP C 20 -14.30 -16.77 1.31
C TRP C 20 -15.79 -16.91 1.34
N GLU C 21 -16.39 -16.38 2.36
CA GLU C 21 -17.86 -16.44 2.38
C GLU C 21 -18.28 -15.06 2.87
N PRO C 22 -19.59 -14.67 2.82
CA PRO C 22 -20.69 -15.48 2.33
C PRO C 22 -20.94 -15.28 0.84
N LYS C 23 -21.89 -16.00 0.24
CA LYS C 23 -22.39 -15.67 -1.12
C LYS C 23 -23.19 -14.36 -1.06
N PRO C 24 -22.90 -13.44 -2.00
CA PRO C 24 -23.28 -12.07 -1.86
C PRO C 24 -24.74 -11.82 -2.06
N VAL C 25 -25.35 -11.26 -1.04
CA VAL C 25 -26.72 -10.84 -1.13
C VAL C 25 -26.75 -9.32 -1.31
N ASN C 26 -26.98 -8.84 -2.53
CA ASN C 26 -26.90 -7.40 -2.86
C ASN C 26 -25.60 -6.65 -2.43
N GLN C 27 -24.46 -7.30 -2.63
CA GLN C 27 -23.22 -6.72 -2.32
C GLN C 27 -22.21 -7.37 -3.24
N VAL C 28 -21.14 -6.63 -3.49
CA VAL C 28 -20.02 -7.14 -4.34
C VAL C 28 -18.71 -7.06 -3.54
N TYR C 29 -17.60 -7.64 -4.06
CA TYR C 29 -16.37 -7.71 -3.36
C TYR C 29 -15.25 -7.21 -4.22
N THR C 30 -14.17 -6.76 -3.60
CA THR C 30 -12.90 -6.59 -4.35
C THR C 30 -11.86 -7.16 -3.47
N VAL C 31 -10.90 -7.87 -4.06
CA VAL C 31 -9.73 -8.33 -3.33
C VAL C 31 -8.56 -7.39 -3.42
N GLN C 32 -7.86 -7.19 -2.29
CA GLN C 32 -6.48 -6.62 -2.28
C GLN C 32 -5.47 -7.65 -1.78
N ILE C 33 -4.39 -7.78 -2.51
CA ILE C 33 -3.27 -8.59 -2.07
C ILE C 33 -1.93 -7.74 -2.02
N SER C 34 -0.95 -8.18 -1.22
CA SER C 34 0.25 -7.40 -1.07
C SER C 34 1.22 -8.24 -0.30
N THR C 35 2.53 -8.08 -0.55
CA THR C 35 3.60 -8.52 0.34
C THR C 35 3.70 -7.61 1.54
N LYS C 36 4.34 -8.10 2.60
CA LYS C 36 4.28 -7.51 3.96
C LYS C 36 4.65 -6.04 3.98
N SER C 37 5.36 -5.62 2.96
CA SER C 37 5.62 -4.22 2.86
C SER C 37 5.41 -3.60 1.41
N GLY C 38 4.96 -4.38 0.40
CA GLY C 38 4.52 -3.83 -0.89
C GLY C 38 3.26 -2.98 -0.74
N ASP C 39 2.93 -2.26 -1.79
CA ASP C 39 1.66 -1.66 -1.98
C ASP C 39 0.64 -2.75 -2.20
N TRP C 40 -0.61 -2.39 -1.94
CA TRP C 40 -1.72 -3.26 -2.24
C TRP C 40 -2.14 -3.18 -3.69
N LYS C 41 -2.61 -4.31 -4.23
CA LYS C 41 -3.02 -4.38 -5.60
C LYS C 41 -4.34 -5.05 -5.67
N SER C 42 -5.32 -4.38 -6.30
CA SER C 42 -6.68 -4.89 -6.55
C SER C 42 -6.80 -5.89 -7.67
N LYS C 43 -7.70 -6.83 -7.43
CA LYS C 43 -8.08 -7.94 -8.34
C LYS C 43 -9.61 -8.16 -8.18
N CYS C 44 -10.25 -8.76 -9.17
CA CYS C 44 -11.65 -9.24 -8.97
C CYS C 44 -12.56 -8.12 -8.56
N PHE C 45 -12.59 -7.07 -9.38
CA PHE C 45 -13.31 -5.83 -9.04
C PHE C 45 -14.81 -5.99 -8.98
N TYR C 46 -15.42 -5.67 -7.84
CA TYR C 46 -16.88 -5.69 -7.77
C TYR C 46 -17.52 -6.98 -8.32
N THR C 47 -16.92 -8.11 -7.95
CA THR C 47 -17.46 -9.41 -8.26
C THR C 47 -18.53 -9.89 -7.30
N THR C 48 -19.43 -10.73 -7.79
CA THR C 48 -20.40 -11.46 -6.93
C THR C 48 -19.87 -12.86 -6.71
N ASP C 49 -18.79 -13.26 -7.39
CA ASP C 49 -18.05 -14.45 -6.96
C ASP C 49 -17.57 -14.41 -5.50
N THR C 50 -17.34 -15.59 -4.90
CA THR C 50 -16.71 -15.65 -3.59
C THR C 50 -15.37 -16.36 -3.75
N GLU C 51 -14.70 -16.16 -4.85
CA GLU C 51 -13.31 -16.59 -4.93
C GLU C 51 -12.55 -15.59 -5.78
N CYS C 52 -11.21 -15.61 -5.72
CA CYS C 52 -10.35 -14.74 -6.56
C CYS C 52 -9.06 -15.43 -6.90
N ASP C 53 -8.78 -15.64 -8.17
CA ASP C 53 -7.46 -16.17 -8.55
C ASP C 53 -6.35 -15.14 -8.34
N LEU C 54 -5.47 -15.40 -7.40
CA LEU C 54 -4.33 -14.51 -7.11
C LEU C 54 -2.98 -15.09 -7.59
N THR C 55 -3.02 -15.94 -8.58
CA THR C 55 -1.83 -16.73 -8.99
C THR C 55 -0.78 -15.88 -9.62
N ASP C 56 -1.25 -15.01 -10.51
CA ASP C 56 -0.38 -14.03 -11.19
C ASP C 56 0.42 -13.14 -10.31
N GLU C 57 -0.17 -12.71 -9.18
CA GLU C 57 0.47 -11.84 -8.26
C GLU C 57 1.49 -12.61 -7.44
N ILE C 58 1.12 -13.82 -7.00
CA ILE C 58 1.96 -14.52 -6.08
C ILE C 58 3.12 -15.21 -6.80
N VAL C 59 3.01 -15.52 -8.08
CA VAL C 59 4.14 -16.18 -8.71
C VAL C 59 5.26 -15.17 -9.04
N LYS C 60 5.01 -13.87 -8.86
CA LYS C 60 6.03 -12.85 -9.12
C LYS C 60 7.20 -12.91 -8.10
N ASP C 61 6.93 -13.35 -6.86
CA ASP C 61 7.97 -13.80 -5.91
C ASP C 61 7.33 -14.86 -4.99
N VAL C 62 7.70 -16.12 -5.18
CA VAL C 62 7.10 -17.22 -4.44
C VAL C 62 7.64 -17.35 -3.03
N LYS C 63 8.67 -16.58 -2.67
CA LYS C 63 9.30 -16.73 -1.37
C LYS C 63 8.80 -15.67 -0.42
N GLN C 64 8.05 -14.70 -0.95
CA GLN C 64 7.44 -13.64 -0.14
C GLN C 64 6.23 -14.15 0.60
N THR C 65 5.80 -13.43 1.62
CA THR C 65 4.60 -13.79 2.36
C THR C 65 3.57 -12.76 1.93
N TYR C 66 2.35 -13.21 1.58
CA TYR C 66 1.30 -12.35 1.01
C TYR C 66 0.17 -12.19 2.01
N LEU C 67 -0.46 -11.01 2.10
CA LEU C 67 -1.72 -10.91 2.79
C LEU C 67 -2.74 -10.45 1.75
N ALA C 68 -4.00 -10.95 1.80
CA ALA C 68 -5.07 -10.53 0.88
C ALA C 68 -6.14 -9.97 1.82
N ARG C 69 -7.02 -9.13 1.36
CA ARG C 69 -8.21 -8.76 2.17
C ARG C 69 -9.27 -8.52 1.11
N VAL C 70 -10.50 -8.66 1.51
CA VAL C 70 -11.61 -8.74 0.60
C VAL C 70 -12.58 -7.64 1.05
N PHE C 71 -12.99 -6.76 0.16
CA PHE C 71 -13.88 -5.65 0.53
C PHE C 71 -15.27 -5.95 0.07
N SER C 72 -16.26 -5.46 0.80
CA SER C 72 -17.68 -5.56 0.55
C SER C 72 -18.26 -4.18 0.28
N TYR C 73 -19.10 -4.10 -0.74
CA TYR C 73 -19.78 -2.88 -1.04
C TYR C 73 -21.24 -3.18 -1.32
N PRO C 74 -22.13 -2.23 -1.04
CA PRO C 74 -23.52 -2.31 -1.49
C PRO C 74 -23.68 -2.32 -3.01
N ALA C 75 -24.86 -2.76 -3.45
CA ALA C 75 -25.59 -2.21 -4.61
C ALA C 75 -25.03 -1.96 -5.99
N GLY C 76 -24.77 -0.74 -6.44
CA GLY C 76 -24.92 0.49 -5.71
C GLY C 76 -23.59 1.24 -5.73
N ASN C 77 -22.68 0.87 -4.81
CA ASN C 77 -21.58 1.72 -4.32
C ASN C 77 -20.16 1.08 -4.50
N VAL C 78 -19.19 1.32 -3.57
CA VAL C 78 -18.31 2.59 -3.54
C VAL C 78 -18.37 3.53 -2.33
N GLU C 79 -18.29 2.93 -1.14
CA GLU C 79 -18.40 3.66 0.10
C GLU C 79 -19.40 2.94 1.01
N SER C 80 -19.16 2.88 2.33
CA SER C 80 -18.02 3.42 3.11
C SER C 80 -18.17 2.77 4.51
N THR C 81 -17.18 2.85 5.41
CA THR C 81 -17.48 2.55 6.85
C THR C 81 -17.90 3.93 7.38
N GLY C 82 -18.61 3.99 8.49
CA GLY C 82 -19.37 5.24 8.65
C GLY C 82 -19.89 5.72 9.98
N SER C 83 -19.00 5.79 10.99
CA SER C 83 -17.58 5.29 10.95
C SER C 83 -16.49 5.79 9.96
N ALA C 84 -15.45 4.97 9.89
CA ALA C 84 -14.09 5.39 9.51
C ALA C 84 -13.94 5.93 8.09
N GLY C 85 -15.05 5.97 7.36
CA GLY C 85 -15.05 6.39 5.97
C GLY C 85 -14.27 5.55 4.95
N GLU C 86 -13.99 4.29 5.28
CA GLU C 86 -13.37 3.37 4.34
C GLU C 86 -14.25 2.14 4.10
N PRO C 87 -13.95 1.39 3.06
CA PRO C 87 -14.68 0.17 2.75
C PRO C 87 -14.52 -0.89 3.83
N LEU C 88 -15.59 -1.60 4.15
CA LEU C 88 -15.54 -2.69 5.11
C LEU C 88 -14.72 -3.82 4.42
N TYR C 89 -13.80 -4.46 5.14
CA TYR C 89 -13.00 -5.50 4.49
C TYR C 89 -12.75 -6.51 5.48
N GLU C 90 -12.04 -7.63 5.13
CA GLU C 90 -11.61 -8.51 6.13
C GLU C 90 -10.31 -9.12 5.49
N ASN C 91 -9.47 -9.61 6.34
CA ASN C 91 -8.09 -10.02 6.07
C ASN C 91 -7.94 -11.51 5.84
N SER C 92 -7.08 -11.97 4.93
CA SER C 92 -6.85 -13.37 4.84
C SER C 92 -5.76 -13.80 5.85
N PRO C 93 -5.55 -15.13 6.06
CA PRO C 93 -4.30 -15.51 6.68
C PRO C 93 -3.11 -15.17 5.82
N GLU C 94 -1.92 -15.13 6.40
CA GLU C 94 -0.74 -14.86 5.66
C GLU C 94 -0.46 -16.04 4.73
N PHE C 95 0.25 -15.87 3.63
CA PHE C 95 0.50 -17.03 2.77
C PHE C 95 1.84 -16.99 2.07
N THR C 96 2.68 -18.03 2.19
CA THR C 96 4.02 -17.96 1.62
C THR C 96 4.17 -19.06 0.62
N PRO C 97 3.95 -18.75 -0.66
CA PRO C 97 3.79 -19.87 -1.59
C PRO C 97 4.86 -20.97 -1.50
N TYR C 98 6.13 -20.59 -1.52
CA TYR C 98 7.19 -21.59 -1.57
C TYR C 98 7.06 -22.67 -0.49
N LEU C 99 6.43 -22.30 0.64
CA LEU C 99 6.34 -23.14 1.82
C LEU C 99 4.95 -23.76 2.12
N GLU C 100 3.91 -23.38 1.39
CA GLU C 100 2.57 -23.85 1.75
C GLU C 100 1.76 -24.40 0.61
N THR C 101 2.21 -24.19 -0.61
CA THR C 101 1.41 -24.58 -1.78
C THR C 101 1.39 -26.10 -1.81
N ASN C 102 0.23 -26.70 -2.10
CA ASN C 102 0.20 -28.16 -2.23
C ASN C 102 0.94 -28.63 -3.47
N LEU C 103 1.88 -29.54 -3.25
CA LEU C 103 2.57 -30.18 -4.37
C LEU C 103 1.54 -31.01 -5.11
N GLY C 104 1.55 -30.92 -6.43
CA GLY C 104 0.55 -31.67 -7.14
C GLY C 104 0.95 -33.13 -7.13
N GLN C 105 -0.04 -34.01 -7.07
CA GLN C 105 0.11 -35.45 -7.34
C GLN C 105 1.00 -35.76 -8.56
N PRO C 106 2.16 -36.39 -8.32
CA PRO C 106 3.11 -36.51 -9.42
C PRO C 106 2.62 -37.61 -10.32
N THR C 107 3.29 -37.80 -11.45
CA THR C 107 3.01 -38.97 -12.27
C THR C 107 4.32 -39.64 -12.74
N ILE C 108 4.49 -40.92 -12.37
CA ILE C 108 5.58 -41.77 -12.88
C ILE C 108 5.58 -41.80 -14.43
N GLN C 109 6.70 -41.44 -15.05
CA GLN C 109 6.79 -41.52 -16.51
C GLN C 109 8.10 -42.17 -16.97
N SER C 110 8.04 -43.49 -17.20
CA SER C 110 9.19 -44.37 -17.53
C SER C 110 9.33 -45.48 -16.48
N PHE C 111 9.61 -46.70 -16.96
CA PHE C 111 9.81 -47.85 -16.09
C PHE C 111 10.90 -48.83 -16.62
N GLU C 112 11.64 -48.42 -17.66
CA GLU C 112 12.69 -49.25 -18.29
C GLU C 112 13.22 -50.24 -17.25
N GLN C 113 13.17 -51.53 -17.56
CA GLN C 113 13.61 -52.56 -16.60
C GLN C 113 14.88 -53.20 -17.12
N VAL C 114 16.02 -52.55 -16.84
CA VAL C 114 17.30 -52.79 -17.56
C VAL C 114 17.93 -54.18 -17.37
N GLY C 115 18.52 -54.40 -16.19
CA GLY C 115 19.12 -55.69 -15.89
C GLY C 115 18.36 -56.39 -14.78
N THR C 116 19.07 -56.66 -13.69
CA THR C 116 18.47 -57.18 -12.45
C THR C 116 17.66 -56.07 -11.73
N LYS C 117 17.71 -54.87 -12.33
CA LYS C 117 17.17 -53.62 -11.76
C LYS C 117 16.07 -52.96 -12.63
N VAL C 118 15.04 -52.41 -11.96
CA VAL C 118 14.06 -51.55 -12.61
C VAL C 118 14.34 -50.10 -12.28
N ASN C 119 14.47 -49.29 -13.33
CA ASN C 119 14.63 -47.86 -13.19
C ASN C 119 13.34 -47.04 -13.44
N VAL C 120 12.59 -46.80 -12.36
CA VAL C 120 11.38 -45.98 -12.42
C VAL C 120 11.69 -44.47 -12.26
N THR C 121 11.31 -43.70 -13.28
CA THR C 121 11.59 -42.28 -13.36
C THR C 121 10.30 -41.43 -13.16
N VAL C 122 10.41 -40.34 -12.39
CA VAL C 122 9.27 -39.42 -12.12
C VAL C 122 9.34 -38.18 -13.01
N GLU C 123 8.18 -37.61 -13.34
CA GLU C 123 8.14 -36.49 -14.29
C GLU C 123 8.30 -35.08 -13.64
N ASP C 124 9.20 -34.25 -14.20
CA ASP C 124 9.40 -32.86 -13.76
C ASP C 124 8.22 -32.05 -14.27
N GLU C 125 7.13 -32.04 -13.48
CA GLU C 125 5.81 -31.45 -13.85
C GLU C 125 5.85 -29.94 -13.78
N ARG C 126 5.32 -29.26 -14.82
CA ARG C 126 5.30 -27.78 -14.84
C ARG C 126 4.40 -27.14 -13.72
N THR C 127 4.81 -25.96 -13.23
CA THR C 127 4.06 -25.24 -12.20
C THR C 127 3.45 -23.98 -12.84
N LEU C 128 2.72 -23.20 -12.05
CA LEU C 128 2.13 -21.95 -12.55
C LEU C 128 3.16 -20.78 -12.55
N VAL C 129 4.36 -21.09 -12.12
CA VAL C 129 5.40 -20.11 -12.04
C VAL C 129 5.94 -19.94 -13.45
N ARG C 130 5.96 -18.70 -13.94
CA ARG C 130 6.50 -18.35 -15.27
C ARG C 130 7.85 -17.60 -15.20
N ARG C 131 8.69 -17.80 -16.23
CA ARG C 131 9.86 -16.94 -16.53
C ARG C 131 9.73 -16.66 -18.03
N ASN C 132 9.34 -15.43 -18.38
CA ASN C 132 9.24 -15.06 -19.78
C ASN C 132 8.06 -15.74 -20.43
N ASN C 133 6.88 -15.57 -19.86
CA ASN C 133 5.66 -16.14 -20.44
C ASN C 133 5.58 -17.67 -20.44
N THR C 134 6.74 -18.32 -20.19
CA THR C 134 6.82 -19.80 -20.15
C THR C 134 6.93 -20.40 -18.71
N PHE C 135 6.48 -21.66 -18.51
CA PHE C 135 6.25 -22.20 -17.14
C PHE C 135 7.39 -23.01 -16.55
N LEU C 136 7.88 -22.61 -15.37
CA LEU C 136 8.95 -23.34 -14.69
C LEU C 136 8.46 -24.70 -14.19
N SER C 137 9.35 -25.67 -13.97
CA SER C 137 8.91 -27.00 -13.50
C SER C 137 9.10 -27.13 -12.00
N LEU C 138 8.52 -28.16 -11.39
CA LEU C 138 8.78 -28.40 -9.95
C LEU C 138 10.26 -28.34 -9.58
N ARG C 139 11.11 -29.01 -10.36
CA ARG C 139 12.56 -28.99 -10.17
C ARG C 139 13.20 -27.60 -10.32
N ASP C 140 12.68 -26.78 -11.23
CA ASP C 140 13.18 -25.43 -11.38
C ASP C 140 12.97 -24.54 -10.16
N VAL C 141 11.87 -24.77 -9.45
CA VAL C 141 11.46 -23.92 -8.35
C VAL C 141 12.04 -24.42 -7.04
N PHE C 142 12.07 -25.74 -6.85
CA PHE C 142 12.49 -26.31 -5.57
C PHE C 142 13.93 -26.84 -5.47
N GLY C 143 14.58 -27.14 -6.59
CA GLY C 143 15.96 -27.69 -6.57
C GLY C 143 16.24 -28.77 -5.53
N LYS C 144 17.40 -28.68 -4.86
CA LYS C 144 17.76 -29.63 -3.84
C LYS C 144 16.80 -29.64 -2.63
N ASP C 145 15.65 -28.96 -2.72
CA ASP C 145 14.66 -28.90 -1.61
C ASP C 145 13.67 -30.04 -1.68
N LEU C 146 13.45 -30.49 -2.91
CA LEU C 146 12.49 -31.56 -3.27
C LEU C 146 13.14 -32.95 -3.49
N ILE C 147 12.70 -33.92 -2.69
CA ILE C 147 13.05 -35.31 -2.91
C ILE C 147 11.76 -36.06 -3.28
N TYR C 148 11.90 -37.32 -3.72
CA TYR C 148 10.74 -38.23 -3.93
C TYR C 148 10.74 -39.47 -3.00
N THR C 149 9.65 -40.22 -3.01
CA THR C 149 9.49 -41.33 -2.11
C THR C 149 8.70 -42.39 -2.86
N LEU C 150 9.33 -43.56 -3.05
CA LEU C 150 8.72 -44.70 -3.76
C LEU C 150 8.22 -45.80 -2.81
N TYR C 151 6.98 -46.22 -2.99
CA TYR C 151 6.57 -47.53 -2.52
C TYR C 151 6.63 -48.44 -3.76
N TYR C 152 6.93 -49.72 -3.58
CA TYR C 152 7.07 -50.64 -4.74
C TYR C 152 6.47 -52.05 -4.54
N LYS C 161 6.72 -51.91 1.25
CA LYS C 161 8.06 -51.41 1.60
C LYS C 161 8.55 -50.23 0.72
N THR C 162 9.52 -49.44 1.23
CA THR C 162 9.78 -48.08 0.68
C THR C 162 11.23 -47.73 0.27
N ALA C 163 11.38 -46.93 -0.80
CA ALA C 163 12.68 -46.32 -1.19
C ALA C 163 12.61 -44.77 -1.21
N LYS C 164 13.39 -44.12 -2.09
CA LYS C 164 13.62 -42.67 -1.94
C LYS C 164 14.81 -42.15 -2.77
N THR C 165 14.71 -40.92 -3.30
CA THR C 165 15.75 -40.31 -4.13
C THR C 165 15.64 -38.80 -4.04
N ASN C 166 16.64 -38.06 -4.48
CA ASN C 166 16.46 -36.62 -4.55
C ASN C 166 16.73 -36.09 -5.94
N THR C 167 16.97 -37.03 -6.83
CA THR C 167 16.93 -36.78 -8.24
C THR C 167 15.50 -37.10 -8.70
N ASN C 168 15.25 -37.04 -9.99
CA ASN C 168 13.93 -37.42 -10.49
C ASN C 168 13.90 -38.91 -10.89
N GLU C 169 14.88 -39.68 -10.45
CA GLU C 169 14.95 -41.11 -10.83
C GLU C 169 15.29 -42.04 -9.65
N PHE C 170 14.61 -43.20 -9.58
CA PHE C 170 14.99 -44.29 -8.67
C PHE C 170 15.68 -45.44 -9.44
N LEU C 171 16.00 -46.51 -8.69
CA LEU C 171 16.65 -47.74 -9.18
C LEU C 171 16.64 -48.83 -8.10
N ILE C 172 15.85 -49.88 -8.32
CA ILE C 172 15.76 -51.00 -7.36
C ILE C 172 16.13 -52.40 -8.00
N ASP C 173 15.52 -53.49 -7.52
CA ASP C 173 15.90 -54.87 -7.92
C ASP C 173 14.85 -56.00 -7.60
N VAL C 174 14.94 -57.16 -8.28
CA VAL C 174 14.12 -58.36 -7.90
C VAL C 174 14.62 -59.01 -6.59
N CYS C 181 2.32 -52.34 -5.35
CA CYS C 181 3.30 -52.03 -6.39
C CYS C 181 3.64 -50.52 -6.47
N PHE C 182 4.20 -50.07 -7.60
CA PHE C 182 4.81 -48.72 -7.77
C PHE C 182 3.94 -47.46 -7.64
N SER C 183 4.06 -46.74 -6.51
CA SER C 183 3.50 -45.36 -6.38
C SER C 183 4.51 -44.35 -5.79
N VAL C 184 4.51 -43.11 -6.33
CA VAL C 184 5.38 -42.04 -5.79
C VAL C 184 4.75 -40.90 -4.95
N GLN C 185 5.57 -39.89 -4.70
CA GLN C 185 5.36 -38.96 -3.61
C GLN C 185 6.41 -37.85 -3.72
N ALA C 186 5.98 -36.63 -4.02
CA ALA C 186 6.92 -35.53 -3.93
C ALA C 186 7.05 -35.21 -2.43
N VAL C 187 8.25 -34.84 -1.98
CA VAL C 187 8.46 -34.40 -0.58
C VAL C 187 9.41 -33.19 -0.49
N ILE C 188 9.04 -32.21 0.32
CA ILE C 188 9.97 -31.16 0.71
C ILE C 188 10.18 -31.31 2.21
N PRO C 189 11.33 -31.88 2.58
CA PRO C 189 11.63 -32.14 4.01
C PRO C 189 11.66 -30.86 4.94
N SER C 190 12.16 -29.75 4.42
CA SER C 190 12.35 -28.51 5.20
C SER C 190 11.03 -27.80 5.51
N ARG C 191 9.91 -28.41 5.11
CA ARG C 191 8.59 -27.81 5.29
C ARG C 191 8.02 -28.13 6.67
N THR C 192 7.52 -27.07 7.30
CA THR C 192 6.79 -27.16 8.54
C THR C 192 5.42 -27.72 8.25
N VAL C 193 4.83 -27.38 7.09
CA VAL C 193 3.46 -27.84 6.73
C VAL C 193 3.41 -28.33 5.29
N ASN C 194 2.30 -28.97 4.91
CA ASN C 194 2.14 -29.67 3.61
C ASN C 194 3.40 -30.29 3.03
N ARG C 195 4.11 -31.01 3.91
CA ARG C 195 5.47 -31.56 3.67
C ARG C 195 5.47 -32.57 2.52
N LYS C 196 4.45 -33.43 2.53
CA LYS C 196 4.29 -34.57 1.59
C LYS C 196 3.17 -34.35 0.53
N SER C 197 3.53 -34.50 -0.74
CA SER C 197 2.53 -34.52 -1.81
C SER C 197 1.48 -35.62 -1.58
N THR C 198 0.76 -35.97 -2.64
CA THR C 198 -0.19 -37.06 -2.58
C THR C 198 0.35 -38.16 -3.53
N ASP C 199 0.06 -39.44 -3.27
CA ASP C 199 0.59 -40.56 -4.09
C ASP C 199 0.25 -40.48 -5.58
N SER C 200 1.26 -40.56 -6.43
CA SER C 200 1.05 -40.63 -7.86
C SER C 200 0.08 -41.77 -8.13
N PRO C 201 -0.57 -41.75 -9.31
CA PRO C 201 -1.41 -42.89 -9.62
C PRO C 201 -0.53 -44.14 -9.89
N VAL C 202 -0.84 -45.22 -9.15
CA VAL C 202 -0.04 -46.48 -9.06
C VAL C 202 0.20 -47.26 -10.39
N GLU C 203 1.43 -47.69 -10.63
CA GLU C 203 1.78 -48.29 -11.94
C GLU C 203 2.71 -49.50 -11.88
N CYS C 204 2.57 -50.40 -12.87
CA CYS C 204 3.58 -51.44 -13.25
C CYS C 204 3.12 -52.47 -14.28
N TYR D 2 -1.82 14.45 24.28
CA TYR D 2 -1.17 13.68 23.20
C TYR D 2 -1.26 14.21 21.75
N THR D 3 -1.69 15.45 21.59
CA THR D 3 -1.64 16.22 20.34
C THR D 3 -0.22 16.64 20.01
#